data_6KZC
#
_entry.id   6KZC
#
_cell.length_a   51.811
_cell.length_b   54.405
_cell.length_c   108.885
_cell.angle_alpha   90.000
_cell.angle_beta   90.000
_cell.angle_gamma   90.000
#
_symmetry.space_group_name_H-M   'P 21 21 21'
#
loop_
_entity.id
_entity.type
_entity.pdbx_description
1 polymer 'NT-3 growth factor receptor'
2 non-polymer 3-(2-imidazo[1,2-a]pyrazin-3-ylethynyl)-2-methyl-~{N}-[3-(4-methylpiperazin-1-yl)-5-(trifluoromethyl)phenyl]benzamide
3 water water
#
_entity_poly.entity_id   1
_entity_poly.type   'polypeptide(L)'
_entity_poly.pdbx_seq_one_letter_code
;TYVQHIKRRDIVLKRELGEGAFGKVFLAECYNLSPTKDKMLVAVKALKDPTLAARKDFQREAELLTNLQHEHIVKFYGVC
GDGDPLIMVFEYMKHGDLNKFLRAHGPDAMILVDGQPRQAKGELGLSQMLHIASQIASGMVYLASQHFVHRDLATRNCLV
GANLLVKIGDFGMSRDVYSTDYYRLFNPSGNDFCIWCEVGGHTMLPIRWMPPESIMYRKFTTESDVWSFGVILWEIFTYG
KQPWFQLSNTEVIECITQGRVLERPRVCPKEVYDVMLGCWQREPQQRLNIKEIYKILHALGKATPIYLDILG
;
_entity_poly.pdbx_strand_id   A
#
loop_
_chem_comp.id
_chem_comp.type
_chem_comp.name
_chem_comp.formula
DZC non-polymer 3-(2-imidazo[1,2-a]pyrazin-3-ylethynyl)-2-methyl-~{N}-[3-(4-methylpiperazin-1-yl)-5-(trifluoromethyl)phenyl]benzamide 'C28 H25 F3 N6 O'
#
# COMPACT_ATOMS: atom_id res chain seq x y z
N THR A 1 10.47 14.31 -15.71
CA THR A 1 11.65 14.59 -14.89
C THR A 1 12.78 13.62 -15.17
N TYR A 2 13.94 13.90 -14.60
CA TYR A 2 15.09 13.02 -14.72
C TYR A 2 15.05 11.95 -13.63
N VAL A 3 15.34 10.72 -14.02
CA VAL A 3 15.38 9.59 -13.09
C VAL A 3 16.82 9.15 -12.88
N GLN A 4 17.18 8.80 -11.66
CA GLN A 4 18.55 8.39 -11.36
C GLN A 4 18.92 7.13 -12.15
N HIS A 5 20.11 7.17 -12.74
CA HIS A 5 20.61 6.11 -13.60
C HIS A 5 21.48 5.14 -12.81
N ILE A 6 21.04 3.89 -12.74
CA ILE A 6 21.81 2.86 -12.05
C ILE A 6 22.42 1.88 -13.06
N LYS A 7 23.71 1.60 -12.91
CA LYS A 7 24.40 0.70 -13.83
C LYS A 7 24.05 -0.76 -13.52
N ARG A 8 23.79 -1.52 -14.59
CA ARG A 8 23.41 -2.93 -14.44
C ARG A 8 24.49 -3.73 -13.73
N ARG A 9 25.75 -3.37 -13.94
CA ARG A 9 26.87 -4.07 -13.34
C ARG A 9 26.90 -3.92 -11.83
N ASP A 10 26.21 -2.92 -11.32
CA ASP A 10 26.23 -2.63 -9.88
C ASP A 10 25.16 -3.41 -9.12
N ILE A 11 24.33 -4.14 -9.84
CA ILE A 11 23.23 -4.88 -9.22
C ILE A 11 23.49 -6.38 -9.18
N VAL A 12 23.37 -6.96 -7.99
CA VAL A 12 23.53 -8.40 -7.81
C VAL A 12 22.28 -9.01 -7.20
N LEU A 13 21.59 -9.85 -7.96
CA LEU A 13 20.35 -10.48 -7.49
C LEU A 13 20.67 -11.56 -6.45
N LYS A 14 19.81 -11.67 -5.44
CA LYS A 14 20.03 -12.63 -4.36
C LYS A 14 18.89 -13.64 -4.26
N ARG A 15 17.66 -13.15 -4.33
CA ARG A 15 16.51 -14.00 -4.08
C ARG A 15 15.25 -13.45 -4.75
N GLU A 16 14.54 -14.32 -5.46
CA GLU A 16 13.27 -13.94 -6.07
C GLU A 16 12.19 -13.86 -5.00
N LEU A 17 11.42 -12.77 -4.99
CA LEU A 17 10.42 -12.56 -3.94
C LEU A 17 9.00 -12.78 -4.45
N GLY A 18 8.77 -12.53 -5.73
CA GLY A 18 7.46 -12.70 -6.32
C GLY A 18 7.37 -12.06 -7.69
N GLU A 19 6.17 -12.05 -8.26
CA GLU A 19 5.96 -11.47 -9.57
C GLU A 19 4.55 -10.92 -9.73
N GLY A 20 4.44 -9.68 -10.21
CA GLY A 20 3.16 -9.08 -10.49
C GLY A 20 2.95 -9.00 -11.99
N ALA A 21 2.15 -8.02 -12.43
CA ALA A 21 1.87 -7.85 -13.84
C ALA A 21 3.00 -7.10 -14.54
N PHE A 22 3.93 -6.56 -13.76
CA PHE A 22 4.99 -5.72 -14.31
C PHE A 22 6.38 -6.31 -14.09
N GLY A 23 6.46 -7.62 -13.90
CA GLY A 23 7.75 -8.30 -13.83
C GLY A 23 8.11 -8.86 -12.46
N LYS A 24 9.21 -9.60 -12.42
CA LYS A 24 9.68 -10.24 -11.19
C LYS A 24 10.32 -9.24 -10.24
N VAL A 25 10.11 -9.46 -8.93
CA VAL A 25 10.72 -8.62 -7.91
C VAL A 25 11.76 -9.43 -7.13
N PHE A 26 12.94 -8.86 -6.95
CA PHE A 26 14.05 -9.56 -6.31
C PHE A 26 14.60 -8.83 -5.09
N LEU A 27 15.08 -9.61 -4.11
CA LEU A 27 16.00 -9.09 -3.12
C LEU A 27 17.38 -9.06 -3.76
N ALA A 28 18.05 -7.92 -3.68
CA ALA A 28 19.33 -7.76 -4.35
C ALA A 28 20.28 -6.90 -3.55
N GLU A 29 21.53 -6.85 -3.99
CA GLU A 29 22.50 -5.92 -3.46
C GLU A 29 22.93 -4.97 -4.56
N CYS A 30 23.18 -3.72 -4.19
CA CYS A 30 23.56 -2.71 -5.16
C CYS A 30 24.80 -1.94 -4.72
N TYR A 31 25.76 -1.79 -5.62
CA TYR A 31 26.98 -1.04 -5.34
C TYR A 31 26.85 0.40 -5.84
N ASN A 32 27.75 1.26 -5.38
CA ASN A 32 27.83 2.66 -5.81
C ASN A 32 26.51 3.42 -5.62
N LEU A 33 25.71 2.97 -4.67
CA LEU A 33 24.42 3.60 -4.41
C LEU A 33 24.45 4.35 -3.08
N SER A 34 24.94 3.70 -2.03
CA SER A 34 25.08 4.31 -0.72
C SER A 34 26.15 5.40 -0.77
N PRO A 35 26.11 6.36 0.18
CA PRO A 35 27.13 7.41 0.24
C PRO A 35 28.54 6.86 0.41
N THR A 36 28.67 5.66 0.94
CA THR A 36 29.96 5.01 1.10
C THR A 36 30.26 4.09 -0.08
N LYS A 37 29.28 3.97 -0.98
CA LYS A 37 29.38 3.15 -2.20
C LYS A 37 29.51 1.65 -1.92
N ASP A 38 29.63 1.29 -0.65
CA ASP A 38 29.63 -0.11 -0.23
C ASP A 38 28.29 -0.73 -0.58
N LYS A 39 28.26 -2.04 -0.81
CA LYS A 39 27.03 -2.71 -1.24
C LYS A 39 25.93 -2.61 -0.17
N MET A 40 24.70 -2.46 -0.63
CA MET A 40 23.55 -2.35 0.27
C MET A 40 22.39 -3.14 -0.29
N LEU A 41 21.52 -3.62 0.60
CA LEU A 41 20.34 -4.36 0.18
C LEU A 41 19.34 -3.46 -0.51
N VAL A 42 18.81 -3.92 -1.63
CA VAL A 42 17.76 -3.21 -2.35
C VAL A 42 16.72 -4.19 -2.85
N ALA A 43 15.60 -3.66 -3.34
CA ALA A 43 14.62 -4.46 -4.04
C ALA A 43 14.63 -4.08 -5.51
N VAL A 44 14.63 -5.08 -6.38
CA VAL A 44 14.71 -4.85 -7.81
C VAL A 44 13.53 -5.47 -8.56
N LYS A 45 12.89 -4.67 -9.40
CA LYS A 45 11.87 -5.21 -10.29
C LYS A 45 12.42 -5.28 -11.72
N ALA A 46 12.39 -6.49 -12.29
CA ALA A 46 12.92 -6.71 -13.63
C ALA A 46 11.80 -7.07 -14.61
N LEU A 47 11.72 -6.32 -15.70
CA LEU A 47 10.69 -6.52 -16.70
C LEU A 47 11.29 -7.11 -17.99
N LYS A 48 11.04 -8.40 -18.22
CA LYS A 48 11.62 -9.10 -19.36
C LYS A 48 10.79 -8.91 -20.63
N ASP A 49 11.47 -8.61 -21.73
CA ASP A 49 10.86 -8.42 -23.05
C ASP A 49 9.55 -7.64 -22.99
N PRO A 50 9.60 -6.40 -22.48
CA PRO A 50 8.37 -5.67 -22.21
C PRO A 50 7.62 -5.27 -23.47
N THR A 51 6.30 -5.34 -23.42
CA THR A 51 5.46 -4.81 -24.49
C THR A 51 5.54 -3.29 -24.47
N LEU A 52 4.97 -2.64 -25.49
CA LEU A 52 4.93 -1.19 -25.52
C LEU A 52 4.18 -0.66 -24.30
N ALA A 53 3.07 -1.31 -23.98
CA ALA A 53 2.26 -0.91 -22.84
C ALA A 53 3.03 -1.05 -21.53
N ALA A 54 3.75 -2.15 -21.39
CA ALA A 54 4.55 -2.40 -20.19
C ALA A 54 5.66 -1.37 -20.07
N ARG A 55 6.25 -1.00 -21.20
CA ARG A 55 7.32 -0.01 -21.23
C ARG A 55 6.82 1.36 -20.74
N LYS A 56 5.63 1.74 -21.21
CA LYS A 56 5.04 3.02 -20.82
C LYS A 56 4.66 3.01 -19.34
N ASP A 57 4.19 1.87 -18.85
CA ASP A 57 3.87 1.74 -17.43
C ASP A 57 5.12 1.83 -16.58
N PHE A 58 6.20 1.23 -17.09
CA PHE A 58 7.50 1.28 -16.43
C PHE A 58 7.96 2.73 -16.30
N GLN A 59 7.80 3.49 -17.38
CA GLN A 59 8.22 4.88 -17.40
C GLN A 59 7.35 5.75 -16.50
N ARG A 60 6.04 5.49 -16.52
CA ARG A 60 5.10 6.23 -15.69
C ARG A 60 5.41 6.01 -14.21
N GLU A 61 5.76 4.78 -13.86
CA GLU A 61 6.09 4.43 -12.49
C GLU A 61 7.38 5.11 -12.04
N ALA A 62 8.38 5.11 -12.91
CA ALA A 62 9.69 5.68 -12.60
C ALA A 62 9.60 7.19 -12.39
N GLU A 63 8.84 7.87 -13.23
CA GLU A 63 8.68 9.31 -13.12
C GLU A 63 7.87 9.66 -11.87
N LEU A 64 6.80 8.91 -11.64
CA LEU A 64 5.91 9.15 -10.50
C LEU A 64 6.64 9.03 -9.17
N LEU A 65 7.40 7.95 -9.00
CA LEU A 65 8.10 7.68 -7.75
C LEU A 65 9.32 8.58 -7.58
N THR A 66 9.77 9.19 -8.66
CA THR A 66 10.82 10.19 -8.58
C THR A 66 10.25 11.48 -8.01
N ASN A 67 9.02 11.80 -8.40
CA ASN A 67 8.36 13.01 -7.94
C ASN A 67 7.72 12.83 -6.56
N LEU A 68 7.21 11.63 -6.30
CA LEU A 68 6.58 11.29 -5.02
C LEU A 68 7.62 10.98 -3.96
N GLN A 69 7.96 11.98 -3.14
CA GLN A 69 8.98 11.81 -2.11
C GLN A 69 8.43 12.06 -0.71
N HIS A 70 8.37 11.02 0.10
CA HIS A 70 7.84 11.13 1.46
C HIS A 70 8.25 9.94 2.32
N GLU A 71 8.32 10.17 3.64
CA GLU A 71 8.74 9.15 4.59
C GLU A 71 7.88 7.90 4.55
N HIS A 72 6.61 8.04 4.18
CA HIS A 72 5.70 6.91 4.19
C HIS A 72 5.19 6.54 2.79
N ILE A 73 5.93 6.97 1.77
CA ILE A 73 5.75 6.43 0.41
C ILE A 73 7.00 5.63 0.10
N VAL A 74 6.82 4.46 -0.50
CA VAL A 74 7.95 3.57 -0.81
C VAL A 74 9.08 4.31 -1.52
N LYS A 75 10.30 4.10 -1.04
CA LYS A 75 11.46 4.83 -1.55
C LYS A 75 11.97 4.24 -2.85
N PHE A 76 12.22 5.13 -3.82
CA PHE A 76 12.62 4.76 -5.16
C PHE A 76 14.04 5.25 -5.45
N TYR A 77 14.92 4.34 -5.87
CA TYR A 77 16.32 4.67 -6.07
C TYR A 77 16.65 5.06 -7.52
N GLY A 78 16.01 4.39 -8.47
CA GLY A 78 16.25 4.70 -9.87
C GLY A 78 16.03 3.52 -10.81
N VAL A 79 16.45 3.71 -12.06
CA VAL A 79 16.31 2.67 -13.08
C VAL A 79 17.61 2.45 -13.85
N CYS A 80 17.74 1.28 -14.47
CA CYS A 80 18.86 1.04 -15.36
C CYS A 80 18.57 1.67 -16.72
N GLY A 81 19.57 1.69 -17.58
CA GLY A 81 19.39 2.21 -18.93
C GLY A 81 18.48 1.31 -19.76
N ASP A 82 18.21 1.74 -20.99
CA ASP A 82 17.36 0.96 -21.88
C ASP A 82 17.98 -0.40 -22.18
N GLY A 83 17.14 -1.41 -22.28
CA GLY A 83 17.60 -2.76 -22.56
C GLY A 83 16.59 -3.82 -22.15
N ASP A 84 17.06 -5.06 -22.07
CA ASP A 84 16.23 -6.19 -21.69
C ASP A 84 16.98 -7.04 -20.66
N PRO A 85 16.44 -7.13 -19.44
CA PRO A 85 15.16 -6.56 -19.02
C PRO A 85 15.25 -5.09 -18.57
N LEU A 86 14.09 -4.44 -18.47
CA LEU A 86 14.02 -3.13 -17.84
C LEU A 86 14.10 -3.33 -16.33
N ILE A 87 14.93 -2.52 -15.66
CA ILE A 87 15.19 -2.73 -14.24
C ILE A 87 14.88 -1.47 -13.43
N MET A 88 14.13 -1.67 -12.36
CA MET A 88 13.75 -0.60 -11.44
C MET A 88 14.20 -0.97 -10.03
N VAL A 89 14.78 -0.02 -9.30
CA VAL A 89 15.37 -0.31 -8.00
C VAL A 89 14.67 0.43 -6.85
N PHE A 90 14.31 -0.33 -5.82
CA PHE A 90 13.60 0.21 -4.65
C PHE A 90 14.38 0.04 -3.36
N GLU A 91 13.97 0.78 -2.33
CA GLU A 91 14.45 0.53 -0.98
C GLU A 91 13.92 -0.82 -0.52
N TYR A 92 14.78 -1.59 0.14
CA TYR A 92 14.37 -2.90 0.66
C TYR A 92 13.71 -2.77 2.02
N MET A 93 12.49 -3.31 2.12
CA MET A 93 11.74 -3.33 3.37
C MET A 93 11.68 -4.77 3.89
N LYS A 94 12.45 -5.05 4.93
CA LYS A 94 12.81 -6.42 5.28
C LYS A 94 11.69 -7.30 5.85
N HIS A 95 10.55 -6.70 6.19
CA HIS A 95 9.45 -7.47 6.75
C HIS A 95 8.30 -7.68 5.76
N GLY A 96 8.53 -7.32 4.50
CA GLY A 96 7.59 -7.61 3.44
C GLY A 96 6.29 -6.82 3.50
N ASP A 97 5.26 -7.32 2.84
CA ASP A 97 3.99 -6.60 2.75
C ASP A 97 3.23 -6.69 4.07
N LEU A 98 2.41 -5.67 4.32
CA LEU A 98 1.76 -5.50 5.62
C LEU A 98 0.69 -6.56 5.90
N ASN A 99 0.03 -7.06 4.87
CA ASN A 99 -1.02 -8.06 5.08
C ASN A 99 -0.47 -9.35 5.64
N LYS A 100 0.61 -9.86 5.04
CA LYS A 100 1.28 -11.04 5.55
C LYS A 100 1.87 -10.79 6.93
N PHE A 101 2.36 -9.58 7.13
CA PHE A 101 2.90 -9.18 8.43
C PHE A 101 1.82 -9.24 9.51
N LEU A 102 0.65 -8.69 9.19
CA LEU A 102 -0.49 -8.71 10.11
C LEU A 102 -0.93 -10.13 10.43
N ARG A 103 -1.05 -10.95 9.39
CA ARG A 103 -1.49 -12.33 9.56
C ARG A 103 -0.50 -13.14 10.41
N ALA A 104 0.78 -12.81 10.28
CA ALA A 104 1.83 -13.52 11.01
C ALA A 104 1.74 -13.26 12.52
N HIS A 105 1.13 -12.13 12.89
CA HIS A 105 0.99 -11.76 14.29
C HIS A 105 -0.42 -12.01 14.80
N GLY A 106 -1.25 -12.65 13.98
CA GLY A 106 -2.64 -12.88 14.33
C GLY A 106 -2.88 -14.19 15.07
N PRO A 107 -4.10 -14.35 15.60
CA PRO A 107 -4.52 -15.56 16.33
C PRO A 107 -4.46 -16.82 15.47
N ASP A 108 -4.67 -16.67 14.17
CA ASP A 108 -4.65 -17.80 13.25
C ASP A 108 -3.23 -18.29 12.99
N ALA A 109 -2.25 -17.50 13.40
CA ALA A 109 -0.85 -17.89 13.27
C ALA A 109 -0.42 -18.76 14.44
N GLY A 122 4.89 -11.80 19.44
CA GLY A 122 3.63 -12.50 19.40
C GLY A 122 2.55 -11.73 18.67
N GLU A 123 1.69 -11.06 19.43
CA GLU A 123 0.60 -10.29 18.86
C GLU A 123 0.93 -8.79 18.82
N LEU A 124 0.04 -8.01 18.23
CA LEU A 124 0.23 -6.58 18.12
C LEU A 124 -0.64 -5.84 19.13
N GLY A 125 -0.04 -4.91 19.86
CA GLY A 125 -0.77 -4.12 20.83
C GLY A 125 -1.55 -3.02 20.16
N LEU A 126 -2.38 -2.34 20.95
CA LEU A 126 -3.19 -1.23 20.44
C LEU A 126 -2.30 -0.11 19.91
N SER A 127 -1.25 0.21 20.66
CA SER A 127 -0.32 1.25 20.28
C SER A 127 0.37 0.94 18.94
N GLN A 128 0.73 -0.33 18.77
CA GLN A 128 1.39 -0.77 17.54
C GLN A 128 0.44 -0.71 16.33
N MET A 129 -0.81 -1.11 16.55
CA MET A 129 -1.82 -1.04 15.50
C MET A 129 -2.08 0.40 15.08
N LEU A 130 -2.17 1.29 16.07
CA LEU A 130 -2.41 2.70 15.80
C LEU A 130 -1.22 3.35 15.11
N HIS A 131 -0.02 2.89 15.43
CA HIS A 131 1.18 3.41 14.80
C HIS A 131 1.22 3.02 13.32
N ILE A 132 0.86 1.78 13.03
CA ILE A 132 0.77 1.31 11.65
C ILE A 132 -0.25 2.15 10.88
N ALA A 133 -1.41 2.34 11.48
CA ALA A 133 -2.49 3.11 10.87
C ALA A 133 -2.08 4.56 10.63
N SER A 134 -1.45 5.17 11.64
CA SER A 134 -1.04 6.57 11.55
C SER A 134 -0.02 6.81 10.45
N GLN A 135 0.91 5.88 10.28
CA GLN A 135 1.93 6.00 9.25
C GLN A 135 1.33 5.97 7.85
N ILE A 136 0.37 5.08 7.65
CA ILE A 136 -0.36 4.99 6.38
C ILE A 136 -1.13 6.28 6.13
N ALA A 137 -1.79 6.78 7.17
CA ALA A 137 -2.53 8.02 7.09
C ALA A 137 -1.62 9.17 6.71
N SER A 138 -0.43 9.19 7.29
CA SER A 138 0.57 10.23 6.99
C SER A 138 0.97 10.19 5.52
N GLY A 139 1.21 8.99 5.00
CA GLY A 139 1.52 8.82 3.59
C GLY A 139 0.39 9.32 2.71
N MET A 140 -0.84 9.07 3.15
CA MET A 140 -2.02 9.49 2.39
C MET A 140 -2.22 11.00 2.43
N VAL A 141 -1.84 11.62 3.54
CA VAL A 141 -1.88 13.08 3.64
C VAL A 141 -0.97 13.70 2.58
N TYR A 142 0.21 13.11 2.41
CA TYR A 142 1.14 13.57 1.38
C TYR A 142 0.58 13.35 -0.03
N LEU A 143 0.02 12.17 -0.27
CA LEU A 143 -0.57 11.86 -1.57
C LEU A 143 -1.67 12.85 -1.92
N ALA A 144 -2.54 13.12 -0.95
CA ALA A 144 -3.63 14.06 -1.13
C ALA A 144 -3.09 15.46 -1.44
N SER A 145 -1.98 15.82 -0.79
CA SER A 145 -1.37 17.13 -1.00
C SER A 145 -0.81 17.25 -2.41
N GLN A 146 -0.46 16.11 -3.01
CA GLN A 146 0.08 16.08 -4.36
C GLN A 146 -1.02 15.82 -5.40
N HIS A 147 -2.26 15.78 -4.93
CA HIS A 147 -3.42 15.51 -5.78
C HIS A 147 -3.27 14.17 -6.49
N PHE A 148 -2.71 13.19 -5.80
CA PHE A 148 -2.56 11.85 -6.34
C PHE A 148 -3.62 10.93 -5.76
N VAL A 149 -4.38 10.29 -6.64
CA VAL A 149 -5.38 9.31 -6.22
C VAL A 149 -4.84 7.90 -6.45
N HIS A 150 -4.74 7.14 -5.36
CA HIS A 150 -4.06 5.85 -5.37
C HIS A 150 -4.90 4.74 -6.02
N ARG A 151 -6.16 4.64 -5.59
CA ARG A 151 -7.17 3.71 -6.12
C ARG A 151 -7.00 2.24 -5.72
N ASP A 152 -5.90 1.89 -5.06
CA ASP A 152 -5.73 0.51 -4.60
C ASP A 152 -5.05 0.44 -3.24
N LEU A 153 -5.51 1.27 -2.32
CA LEU A 153 -4.97 1.25 -0.97
C LEU A 153 -5.46 0.03 -0.21
N ALA A 154 -4.50 -0.76 0.29
CA ALA A 154 -4.78 -1.97 1.05
C ALA A 154 -3.48 -2.38 1.73
N THR A 155 -3.56 -3.20 2.78
CA THR A 155 -2.36 -3.59 3.52
C THR A 155 -1.41 -4.41 2.64
N ARG A 156 -1.95 -5.12 1.67
CA ARG A 156 -1.14 -5.90 0.74
C ARG A 156 -0.22 -5.00 -0.08
N ASN A 157 -0.58 -3.73 -0.20
CA ASN A 157 0.21 -2.78 -0.98
C ASN A 157 1.07 -1.87 -0.10
N CYS A 158 1.18 -2.21 1.17
CA CYS A 158 2.07 -1.50 2.08
C CYS A 158 3.24 -2.38 2.47
N LEU A 159 4.40 -1.76 2.72
CA LEU A 159 5.59 -2.50 3.12
C LEU A 159 6.02 -2.18 4.55
N VAL A 160 6.62 -3.16 5.22
CA VAL A 160 7.07 -2.99 6.59
C VAL A 160 8.58 -3.15 6.70
N GLY A 161 9.22 -2.19 7.36
CA GLY A 161 10.65 -2.23 7.58
C GLY A 161 11.00 -2.37 9.05
N ALA A 162 12.22 -1.98 9.40
CA ALA A 162 12.67 -2.02 10.79
C ALA A 162 11.89 -1.03 11.64
N ASN A 163 11.75 -1.35 12.92
CA ASN A 163 11.09 -0.48 13.89
C ASN A 163 9.64 -0.18 13.52
N LEU A 164 8.97 -1.16 12.91
CA LEU A 164 7.57 -1.05 12.49
C LEU A 164 7.33 0.10 11.52
N LEU A 165 8.34 0.42 10.72
CA LEU A 165 8.20 1.46 9.72
C LEU A 165 7.32 0.98 8.56
N VAL A 166 6.25 1.71 8.29
CA VAL A 166 5.31 1.31 7.25
C VAL A 166 5.23 2.35 6.14
N LYS A 167 5.30 1.90 4.89
CA LYS A 167 5.22 2.81 3.74
C LYS A 167 4.21 2.32 2.72
N ILE A 168 3.61 3.27 1.99
CA ILE A 168 2.61 2.95 0.98
C ILE A 168 3.24 2.66 -0.39
N GLY A 169 2.83 1.56 -1.00
CA GLY A 169 3.27 1.23 -2.34
C GLY A 169 2.11 0.83 -3.24
N ASP A 170 2.42 0.16 -4.34
CA ASP A 170 1.41 -0.32 -5.27
C ASP A 170 2.01 -1.44 -6.13
N PHE A 171 1.66 -2.68 -5.80
CA PHE A 171 2.23 -3.84 -6.48
C PHE A 171 1.29 -4.39 -7.53
N GLY A 172 0.01 -4.13 -7.36
CA GLY A 172 -1.01 -4.65 -8.26
C GLY A 172 -1.34 -6.10 -7.95
N MET A 173 -2.03 -6.76 -8.88
CA MET A 173 -2.42 -8.15 -8.71
C MET A 173 -1.23 -9.09 -8.96
N SER A 174 -1.13 -10.15 -8.16
CA SER A 174 -0.05 -11.12 -8.31
C SER A 174 -0.16 -11.87 -9.63
N ARG A 175 0.98 -12.15 -10.25
CA ARG A 175 1.01 -12.85 -11.53
C ARG A 175 0.54 -14.29 -11.39
N VAL A 177 0.55 -16.32 -8.32
CA VAL A 177 -0.11 -16.70 -7.06
C VAL A 177 -1.59 -16.34 -7.09
N TYR A 178 -2.44 -17.31 -6.77
CA TYR A 178 -3.88 -17.12 -6.73
C TYR A 178 -4.28 -16.07 -5.71
N SER A 179 -5.22 -15.20 -6.07
CA SER A 179 -5.70 -14.16 -5.17
C SER A 179 -7.21 -13.98 -5.32
N THR A 180 -7.83 -13.51 -4.25
CA THR A 180 -9.27 -13.29 -4.24
C THR A 180 -9.60 -11.81 -4.02
N ASP A 181 -8.57 -10.97 -4.06
CA ASP A 181 -8.72 -9.55 -3.73
C ASP A 181 -9.17 -8.70 -4.91
N TYR A 182 -9.14 -9.27 -6.11
CA TYR A 182 -9.53 -8.52 -7.31
C TYR A 182 -10.62 -9.24 -8.09
N TYR A 183 -11.55 -8.48 -8.64
CA TYR A 183 -12.67 -9.03 -9.39
C TYR A 183 -12.97 -8.21 -10.64
N ARG A 184 -13.20 -8.90 -11.75
CA ARG A 184 -13.52 -8.25 -13.01
C ARG A 184 -14.97 -7.76 -13.02
N LEU A 185 -15.14 -6.46 -12.82
CA LEU A 185 -16.48 -5.87 -12.78
C LEU A 185 -16.98 -5.56 -14.19
N HIS A 202 -11.88 -5.98 -19.48
CA HIS A 202 -11.38 -4.74 -18.86
C HIS A 202 -10.56 -5.04 -17.60
N THR A 203 -10.72 -4.19 -16.59
CA THR A 203 -9.79 -4.14 -15.47
C THR A 203 -10.22 -4.97 -14.26
N MET A 204 -9.22 -5.51 -13.56
CA MET A 204 -9.44 -6.19 -12.29
C MET A 204 -9.52 -5.15 -11.16
N LEU A 205 -10.59 -5.20 -10.37
CA LEU A 205 -10.84 -4.18 -9.36
C LEU A 205 -10.83 -4.74 -7.94
N PRO A 206 -10.24 -3.98 -7.00
CA PRO A 206 -10.26 -4.34 -5.58
C PRO A 206 -11.58 -3.95 -4.92
N ILE A 207 -12.66 -4.61 -5.32
CA ILE A 207 -14.01 -4.20 -4.93
C ILE A 207 -14.25 -4.17 -3.41
N ARG A 208 -13.56 -5.05 -2.68
CA ARG A 208 -13.78 -5.13 -1.24
C ARG A 208 -13.23 -3.91 -0.51
N TRP A 209 -12.38 -3.15 -1.19
CA TRP A 209 -11.79 -1.94 -0.62
C TRP A 209 -12.40 -0.66 -1.20
N MET A 210 -13.39 -0.81 -2.08
CA MET A 210 -13.94 0.33 -2.81
C MET A 210 -15.31 0.80 -2.31
N PRO A 211 -15.52 2.12 -2.32
CA PRO A 211 -16.81 2.75 -1.96
C PRO A 211 -17.87 2.56 -3.07
N PRO A 212 -19.15 2.81 -2.74
CA PRO A 212 -20.24 2.66 -3.72
C PRO A 212 -20.02 3.42 -5.03
N GLU A 213 -19.57 4.67 -4.96
CA GLU A 213 -19.45 5.49 -6.16
C GLU A 213 -18.31 5.01 -7.07
N SER A 214 -17.33 4.33 -6.50
CA SER A 214 -16.21 3.80 -7.27
C SER A 214 -16.63 2.55 -8.02
N ILE A 215 -17.41 1.70 -7.35
CA ILE A 215 -17.90 0.47 -7.95
C ILE A 215 -18.96 0.77 -9.02
N MET A 216 -19.88 1.66 -8.71
CA MET A 216 -21.02 1.92 -9.57
C MET A 216 -20.72 2.89 -10.71
N TYR A 217 -19.88 3.89 -10.47
CA TYR A 217 -19.68 4.95 -11.45
C TYR A 217 -18.22 5.18 -11.84
N ARG A 218 -17.32 4.33 -11.35
CA ARG A 218 -15.88 4.48 -11.59
C ARG A 218 -15.37 5.87 -11.18
N LYS A 219 -15.92 6.40 -10.09
CA LYS A 219 -15.46 7.68 -9.58
C LYS A 219 -14.39 7.45 -8.52
N PHE A 220 -13.15 7.79 -8.88
CA PHE A 220 -12.02 7.62 -7.97
C PHE A 220 -11.46 8.96 -7.53
N THR A 221 -11.50 9.20 -6.22
CA THR A 221 -11.07 10.48 -5.67
C THR A 221 -10.26 10.26 -4.40
N THR A 222 -9.81 11.36 -3.79
CA THR A 222 -9.18 11.30 -2.48
C THR A 222 -10.19 10.79 -1.46
N GLU A 223 -11.46 11.00 -1.74
CA GLU A 223 -12.54 10.55 -0.86
C GLU A 223 -12.76 9.05 -0.95
N SER A 224 -12.51 8.48 -2.12
CA SER A 224 -12.60 7.04 -2.30
C SER A 224 -11.38 6.36 -1.67
N ASP A 225 -10.25 7.06 -1.68
CA ASP A 225 -9.06 6.58 -1.00
C ASP A 225 -9.28 6.54 0.51
N VAL A 226 -10.00 7.54 1.02
CA VAL A 226 -10.34 7.60 2.44
C VAL A 226 -11.20 6.40 2.84
N TRP A 227 -12.16 6.05 1.99
CA TRP A 227 -12.96 4.85 2.20
C TRP A 227 -12.05 3.64 2.35
N SER A 228 -11.12 3.51 1.42
CA SER A 228 -10.18 2.39 1.42
C SER A 228 -9.33 2.36 2.69
N PHE A 229 -9.02 3.53 3.24
CA PHE A 229 -8.26 3.59 4.48
C PHE A 229 -9.08 3.03 5.64
N GLY A 230 -10.38 3.30 5.63
CA GLY A 230 -11.27 2.76 6.65
C GLY A 230 -11.21 1.23 6.63
N VAL A 231 -11.13 0.68 5.43
CA VAL A 231 -11.02 -0.77 5.26
C VAL A 231 -9.65 -1.26 5.72
N ILE A 232 -8.63 -0.44 5.51
CA ILE A 232 -7.29 -0.74 5.99
C ILE A 232 -7.28 -0.84 7.52
N LEU A 233 -7.97 0.10 8.17
CA LEU A 233 -8.14 0.06 9.61
C LEU A 233 -8.77 -1.26 10.05
N TRP A 234 -9.76 -1.71 9.30
CA TRP A 234 -10.44 -2.97 9.57
C TRP A 234 -9.47 -4.13 9.41
N GLU A 235 -8.64 -4.08 8.38
CA GLU A 235 -7.62 -5.10 8.15
C GLU A 235 -6.67 -5.22 9.33
N ILE A 236 -6.19 -4.08 9.80
CA ILE A 236 -5.24 -4.01 10.90
C ILE A 236 -5.78 -4.65 12.17
N PHE A 237 -7.00 -4.28 12.53
CA PHE A 237 -7.59 -4.77 13.78
C PHE A 237 -8.22 -6.15 13.65
N THR A 238 -8.15 -6.72 12.45
CA THR A 238 -8.54 -8.12 12.25
C THR A 238 -7.32 -8.97 11.88
N TYR A 239 -6.14 -8.37 12.04
CA TYR A 239 -4.88 -9.03 11.71
C TYR A 239 -4.83 -9.52 10.26
N GLY A 240 -5.26 -8.66 9.34
CA GLY A 240 -5.07 -8.92 7.92
C GLY A 240 -6.13 -9.81 7.29
N LYS A 241 -7.24 -10.03 7.98
CA LYS A 241 -8.33 -10.82 7.43
C LYS A 241 -8.93 -10.10 6.22
N GLN A 242 -9.43 -10.87 5.25
CA GLN A 242 -10.03 -10.27 4.07
C GLN A 242 -11.37 -9.63 4.40
N PRO A 243 -11.55 -8.38 3.96
CA PRO A 243 -12.83 -7.68 4.09
C PRO A 243 -13.94 -8.46 3.40
N TRP A 244 -15.08 -8.61 4.08
CA TRP A 244 -16.21 -9.37 3.54
C TRP A 244 -15.81 -10.80 3.16
N PHE A 245 -15.04 -11.44 4.03
CA PHE A 245 -14.54 -12.78 3.78
C PHE A 245 -15.66 -13.81 3.61
N GLN A 246 -16.82 -13.52 4.21
CA GLN A 246 -17.94 -14.44 4.16
C GLN A 246 -18.83 -14.23 2.93
N LEU A 247 -18.44 -13.30 2.08
CA LEU A 247 -19.24 -12.97 0.89
C LEU A 247 -18.52 -13.29 -0.41
N SER A 248 -19.27 -13.75 -1.40
CA SER A 248 -18.75 -13.90 -2.75
C SER A 248 -18.59 -12.50 -3.35
N ASN A 249 -17.91 -12.43 -4.49
CA ASN A 249 -17.70 -11.14 -5.16
C ASN A 249 -19.01 -10.48 -5.54
N THR A 250 -19.96 -11.28 -6.02
CA THR A 250 -21.29 -10.78 -6.35
C THR A 250 -21.97 -10.22 -5.10
N GLU A 251 -21.86 -10.95 -4.00
CA GLU A 251 -22.47 -10.54 -2.75
C GLU A 251 -21.80 -9.28 -2.18
N VAL A 252 -20.51 -9.13 -2.44
CA VAL A 252 -19.79 -7.94 -2.00
C VAL A 252 -20.31 -6.69 -2.70
N ILE A 253 -20.42 -6.75 -4.02
CA ILE A 253 -20.91 -5.64 -4.83
C ILE A 253 -22.32 -5.22 -4.39
N GLU A 254 -23.20 -6.20 -4.21
CA GLU A 254 -24.55 -5.94 -3.74
C GLU A 254 -24.55 -5.29 -2.37
N CYS A 255 -23.74 -5.84 -1.46
CA CYS A 255 -23.64 -5.35 -0.10
C CYS A 255 -23.18 -3.89 -0.01
N ILE A 256 -22.13 -3.56 -0.75
CA ILE A 256 -21.59 -2.21 -0.76
C ILE A 256 -22.59 -1.24 -1.40
N THR A 257 -23.24 -1.71 -2.47
CA THR A 257 -24.25 -0.92 -3.17
C THR A 257 -25.43 -0.58 -2.25
N GLN A 258 -25.83 -1.55 -1.43
CA GLN A 258 -26.99 -1.38 -0.57
C GLN A 258 -26.67 -0.66 0.74
N GLY A 259 -25.40 -0.27 0.90
CA GLY A 259 -25.01 0.59 2.01
C GLY A 259 -24.68 -0.12 3.32
N ARG A 260 -24.42 -1.43 3.24
CA ARG A 260 -23.96 -2.15 4.42
C ARG A 260 -22.48 -1.89 4.64
N VAL A 261 -22.06 -1.88 5.89
CA VAL A 261 -20.65 -1.64 6.22
C VAL A 261 -20.06 -2.77 7.03
N LEU A 262 -18.73 -2.92 6.95
CA LEU A 262 -18.01 -3.92 7.72
C LEU A 262 -18.30 -3.81 9.20
N GLU A 263 -18.44 -4.95 9.87
CA GLU A 263 -18.76 -4.96 11.29
C GLU A 263 -17.54 -4.63 12.14
N ARG A 264 -17.79 -4.12 13.34
CA ARG A 264 -16.72 -3.80 14.27
C ARG A 264 -16.06 -5.06 14.81
N PRO A 265 -14.74 -5.19 14.61
CA PRO A 265 -13.99 -6.31 15.19
C PRO A 265 -14.08 -6.27 16.71
N ARG A 266 -14.09 -7.43 17.36
CA ARG A 266 -14.29 -7.48 18.80
C ARG A 266 -13.17 -6.77 19.56
N VAL A 267 -11.94 -6.86 19.03
CA VAL A 267 -10.79 -6.26 19.69
C VAL A 267 -10.57 -4.82 19.25
N CYS A 268 -11.53 -4.26 18.53
CA CYS A 268 -11.44 -2.89 18.07
C CYS A 268 -12.15 -1.93 19.02
N PRO A 269 -11.42 -0.94 19.54
CA PRO A 269 -12.00 0.11 20.39
C PRO A 269 -13.07 0.88 19.62
N LYS A 270 -14.10 1.37 20.31
CA LYS A 270 -15.23 2.02 19.65
C LYS A 270 -14.78 3.27 18.89
N GLU A 271 -13.82 4.00 19.45
CA GLU A 271 -13.32 5.21 18.82
C GLU A 271 -12.66 4.92 17.48
N VAL A 272 -11.98 3.78 17.39
CA VAL A 272 -11.35 3.37 16.13
C VAL A 272 -12.41 2.97 15.11
N TYR A 273 -13.45 2.28 15.57
CA TYR A 273 -14.53 1.91 14.67
C TYR A 273 -15.30 3.14 14.21
N ASP A 274 -15.38 4.15 15.07
CA ASP A 274 -16.03 5.40 14.71
C ASP A 274 -15.24 6.12 13.61
N VAL A 275 -13.92 5.93 13.61
CA VAL A 275 -13.08 6.48 12.55
C VAL A 275 -13.39 5.75 11.24
N MET A 276 -13.55 4.43 11.33
CA MET A 276 -13.94 3.63 10.17
C MET A 276 -15.27 4.13 9.60
N LEU A 277 -16.24 4.33 10.48
CA LEU A 277 -17.55 4.83 10.09
C LEU A 277 -17.44 6.21 9.45
N GLY A 278 -16.51 7.01 9.94
CA GLY A 278 -16.25 8.32 9.37
C GLY A 278 -15.70 8.22 7.96
N CYS A 279 -15.00 7.13 7.67
CA CYS A 279 -14.47 6.89 6.33
C CYS A 279 -15.53 6.32 5.40
N TRP A 280 -16.61 5.80 5.99
CA TRP A 280 -17.58 5.03 5.23
C TRP A 280 -18.93 5.72 5.05
N GLN A 281 -18.94 7.05 5.15
CA GLN A 281 -20.14 7.82 4.81
C GLN A 281 -20.46 7.54 3.34
N ARG A 282 -21.74 7.34 3.03
CA ARG A 282 -22.12 7.05 1.66
C ARG A 282 -21.85 8.26 0.78
N GLU A 283 -22.27 9.43 1.25
CA GLU A 283 -21.94 10.68 0.59
C GLU A 283 -20.45 10.97 0.77
N PRO A 284 -19.69 10.98 -0.34
CA PRO A 284 -18.23 11.14 -0.29
C PRO A 284 -17.78 12.42 0.41
N GLN A 285 -18.54 13.51 0.25
CA GLN A 285 -18.16 14.78 0.85
C GLN A 285 -18.35 14.81 2.38
N GLN A 286 -19.06 13.81 2.90
CA GLN A 286 -19.30 13.73 4.34
C GLN A 286 -18.23 12.93 5.06
N ARG A 287 -17.43 12.20 4.29
CA ARG A 287 -16.35 11.41 4.86
C ARG A 287 -15.31 12.32 5.49
N LEU A 288 -14.68 11.84 6.56
CA LEU A 288 -13.52 12.51 7.13
C LEU A 288 -12.45 12.63 6.06
N ASN A 289 -11.77 13.77 6.01
CA ASN A 289 -10.60 13.87 5.13
C ASN A 289 -9.41 13.26 5.87
N ILE A 290 -8.39 12.88 5.12
CA ILE A 290 -7.28 12.13 5.70
C ILE A 290 -6.48 12.95 6.71
N LYS A 291 -6.53 14.27 6.59
CA LYS A 291 -5.86 15.15 7.53
C LYS A 291 -6.54 15.06 8.89
N GLU A 292 -7.87 15.07 8.88
CA GLU A 292 -8.65 14.94 10.11
C GLU A 292 -8.41 13.57 10.74
N ILE A 293 -8.36 12.54 9.90
CA ILE A 293 -8.15 11.17 10.36
C ILE A 293 -6.80 11.02 11.05
N TYR A 294 -5.76 11.63 10.47
CA TYR A 294 -4.43 11.57 11.04
C TYR A 294 -4.38 12.21 12.42
N LYS A 295 -5.04 13.35 12.55
CA LYS A 295 -5.10 14.06 13.83
C LYS A 295 -5.82 13.23 14.90
N ILE A 296 -6.93 12.60 14.50
CA ILE A 296 -7.71 11.78 15.41
C ILE A 296 -6.92 10.57 15.90
N LEU A 297 -6.32 9.84 14.96
CA LEU A 297 -5.51 8.67 15.29
C LEU A 297 -4.37 9.02 16.24
N HIS A 298 -3.80 10.21 16.04
CA HIS A 298 -2.73 10.69 16.90
C HIS A 298 -3.24 10.93 18.31
N ALA A 299 -4.42 11.55 18.40
CA ALA A 299 -5.03 11.85 19.68
C ALA A 299 -5.49 10.59 20.42
N LEU A 300 -5.77 9.54 19.66
CA LEU A 300 -6.28 8.30 20.23
C LEU A 300 -5.19 7.50 20.95
N GLY A 301 -3.95 7.65 20.51
CA GLY A 301 -2.84 6.93 21.10
C GLY A 301 -2.50 7.40 22.50
N LYS A 302 -2.31 6.46 23.41
CA LYS A 302 -1.93 6.77 24.79
C LYS A 302 -0.51 7.31 24.83
N ALA A 303 0.35 6.77 23.97
CA ALA A 303 1.73 7.20 23.88
C ALA A 303 2.25 6.99 22.46
N THR A 304 1.70 7.75 21.52
CA THR A 304 2.11 7.64 20.12
C THR A 304 3.58 8.00 19.95
N PRO A 305 4.30 7.23 19.11
CA PRO A 305 5.73 7.42 18.86
C PRO A 305 6.08 8.86 18.50
N ILE A 306 7.28 9.28 18.88
CA ILE A 306 7.77 10.62 18.57
C ILE A 306 8.65 10.55 17.32
N TYR A 307 8.32 11.35 16.31
CA TYR A 307 9.08 11.35 15.08
C TYR A 307 10.26 12.31 15.13
N LEU A 308 11.42 11.84 14.71
CA LEU A 308 12.64 12.65 14.74
C LEU A 308 13.39 12.63 13.41
N ASP A 309 14.05 13.75 13.13
CA ASP A 309 14.99 13.85 12.02
C ASP A 309 16.31 14.37 12.57
N ILE A 310 16.37 14.54 13.88
CA ILE A 310 17.54 15.02 14.60
C ILE A 310 18.08 16.29 13.95
CAA DZC B . 8.74 -7.43 -1.12
CAC DZC B . 10.45 -6.68 0.38
CAD DZC B . 10.52 -5.53 -0.37
CAF DZC B . 8.82 -6.26 -1.89
CAH DZC B . 10.87 -3.66 -1.33
CAI DZC B . 10.02 -4.28 -1.92
CAJ DZC B . 9.31 -3.76 -3.15
CAK DZC B . 8.72 -3.37 -4.12
CAL DZC B . 7.95 -2.88 -5.33
CAM DZC B . 7.97 -3.57 -6.54
CAN DZC B . 7.25 -3.06 -7.61
CAO DZC B . 6.50 -1.89 -7.46
CAP DZC B . 6.49 -1.21 -6.25
CAQ DZC B . 7.21 -1.73 -5.17
CAR DZC B . 7.26 -1.06 -3.80
CAS DZC B . 5.60 0.04 -6.16
CAV DZC B . 4.40 1.94 -7.35
CAW DZC B . 3.81 2.26 -8.55
CAX DZC B . 2.91 3.31 -8.65
CAY DZC B . 2.58 4.05 -7.52
CAZ DZC B . 3.16 3.74 -6.26
NAB DZC B . 9.55 -7.63 -0.01
NAE DZC B . 9.71 -5.35 -1.50
NAG DZC B . 11.38 -4.26 -0.28
NAT DZC B . 5.30 0.81 -7.34
OAU DZC B . 5.08 0.31 -5.09
CBA DZC B . 4.06 2.67 -6.20
CBB DZC B . 2.79 4.54 -5.02
CBD DZC B . 1.06 3.64 -9.72
CBE DZC B . 0.34 2.79 -10.74
CBG DZC B . 2.17 1.81 -11.39
CBH DZC B . 2.87 3.07 -10.87
CBI DZC B . 0.27 0.85 -11.65
NBC DZC B . 2.35 3.63 -9.81
NBF DZC B . 0.97 1.64 -10.89
FBJ DZC B . 1.87 3.86 -4.33
FBK DZC B . 2.29 5.73 -5.39
FBL DZC B . 3.87 4.72 -4.25
#